data_8OTK
#
_entry.id   8OTK
#
_cell.length_a   84.621
_cell.length_b   84.621
_cell.length_c   32.160
_cell.angle_alpha   90.000
_cell.angle_beta   90.000
_cell.angle_gamma   120.000
#
_symmetry.space_group_name_H-M   'P 65'
#
loop_
_entity.id
_entity.type
_entity.pdbx_description
1 polymer 'ATP-dependent Clp protease ATP-binding subunit ClpC / Negative regulator of tic competence clcC/mecB'
2 non-polymer 'PENTAETHYLENE GLYCOL'
3 non-polymer 'CARBONATE ION'
4 non-polymer GLYCEROL
5 non-polymer 'SULFATE ION'
6 water water
#
_entity_poly.entity_id   1
_entity_poly.type   'polypeptide(L)'
_entity_poly.pdbx_seq_one_letter_code
;IDPFTMMFGRFTERAPKVLALAQEEALRLGHNNIGTEHILLGLVREGEGIAAKALQALGLGSEKIQKEVESLIGRGQEMS
QTIHYTPRAKKVIELSMDEARKLGHSYVGTEHILLGLIREGEGVAARVLNNLGVSLNKARQQVLQLLGSNETGSS
;
_entity_poly.pdbx_strand_id   A
#
loop_
_chem_comp.id
_chem_comp.type
_chem_comp.name
_chem_comp.formula
1PE non-polymer 'PENTAETHYLENE GLYCOL' 'C10 H22 O6'
CO3 non-polymer 'CARBONATE ION' 'C O3 -2'
GOL non-polymer GLYCEROL 'C3 H8 O3'
SO4 non-polymer 'SULFATE ION' 'O4 S -2'
#
# COMPACT_ATOMS: atom_id res chain seq x y z
N ARG A 10 3.87 16.78 -5.91
CA ARG A 10 3.04 16.63 -4.74
C ARG A 10 3.47 15.47 -3.84
N PHE A 11 4.51 14.74 -4.24
CA PHE A 11 4.99 13.57 -3.54
C PHE A 11 6.42 13.74 -3.03
N THR A 12 6.78 13.00 -1.97
CA THR A 12 8.16 12.93 -1.52
C THR A 12 9.00 12.20 -2.57
N GLU A 13 10.32 12.08 -2.30
CA GLU A 13 11.20 11.33 -3.19
C GLU A 13 10.82 9.85 -3.25
N ARG A 14 10.42 9.25 -2.13
CA ARG A 14 10.19 7.81 -2.13
C ARG A 14 8.79 7.41 -2.55
N ALA A 15 7.80 8.30 -2.44
CA ALA A 15 6.46 7.88 -2.79
C ALA A 15 6.36 7.45 -4.25
N PRO A 16 6.97 8.13 -5.22
CA PRO A 16 6.91 7.63 -6.60
C PRO A 16 7.58 6.29 -6.80
N LYS A 17 8.52 5.92 -5.95
CA LYS A 17 9.11 4.59 -6.05
C LYS A 17 8.10 3.53 -5.70
N VAL A 18 7.25 3.79 -4.71
CA VAL A 18 6.14 2.89 -4.39
C VAL A 18 5.27 2.68 -5.62
N LEU A 19 4.92 3.77 -6.29
CA LEU A 19 4.06 3.68 -7.46
C LEU A 19 4.74 2.91 -8.59
N ALA A 20 6.05 3.13 -8.79
CA ALA A 20 6.76 2.39 -9.82
C ALA A 20 6.72 0.90 -9.53
N LEU A 21 6.95 0.53 -8.28
CA LEU A 21 6.95 -0.87 -7.94
C LEU A 21 5.55 -1.48 -7.98
N ALA A 22 4.54 -0.70 -7.63
CA ALA A 22 3.19 -1.19 -7.74
C ALA A 22 2.88 -1.59 -9.18
N GLN A 23 3.27 -0.74 -10.14
CA GLN A 23 3.02 -1.04 -11.54
C GLN A 23 3.87 -2.21 -12.00
N GLU A 24 5.13 -2.25 -11.57
CA GLU A 24 5.98 -3.36 -11.95
CA GLU A 24 5.99 -3.36 -11.93
C GLU A 24 5.42 -4.67 -11.43
N GLU A 25 4.90 -4.69 -10.22
CA GLU A 25 4.38 -5.93 -9.65
C GLU A 25 3.14 -6.39 -10.38
N ALA A 26 2.26 -5.47 -10.70
CA ALA A 26 1.08 -5.84 -11.47
C ALA A 26 1.49 -6.46 -12.79
N LEU A 27 2.46 -5.85 -13.48
CA LEU A 27 2.92 -6.42 -14.75
C LEU A 27 3.61 -7.76 -14.53
N ARG A 28 4.47 -7.87 -13.52
CA ARG A 28 5.18 -9.14 -13.30
C ARG A 28 4.20 -10.27 -13.00
N LEU A 29 3.14 -9.99 -12.25
CA LEU A 29 2.15 -10.99 -11.86
C LEU A 29 1.13 -11.23 -12.97
N GLY A 30 1.24 -10.53 -14.09
CA GLY A 30 0.30 -10.70 -15.18
C GLY A 30 -1.08 -10.18 -14.91
N HIS A 31 -1.20 -9.11 -14.12
CA HIS A 31 -2.50 -8.59 -13.72
C HIS A 31 -2.92 -7.45 -14.65
N ASN A 32 -4.24 -7.23 -14.72
CA ASN A 32 -4.83 -6.32 -15.70
C ASN A 32 -4.85 -4.85 -15.25
N ASN A 33 -4.75 -4.59 -13.95
CA ASN A 33 -4.80 -3.24 -13.43
C ASN A 33 -3.85 -3.15 -12.25
N ILE A 34 -3.61 -1.93 -11.82
CA ILE A 34 -2.80 -1.64 -10.64
C ILE A 34 -3.77 -1.37 -9.49
N GLY A 35 -3.92 -2.35 -8.61
CA GLY A 35 -4.90 -2.25 -7.54
C GLY A 35 -4.26 -1.96 -6.19
N THR A 36 -5.10 -1.92 -5.17
CA THR A 36 -4.61 -1.62 -3.84
C THR A 36 -3.58 -2.63 -3.36
N GLU A 37 -3.71 -3.89 -3.78
CA GLU A 37 -2.73 -4.88 -3.37
C GLU A 37 -1.37 -4.64 -4.01
N HIS A 38 -1.33 -4.05 -5.20
CA HIS A 38 -0.05 -3.70 -5.83
C HIS A 38 0.56 -2.50 -5.14
N ILE A 39 -0.28 -1.54 -4.72
CA ILE A 39 0.22 -0.44 -3.88
C ILE A 39 0.83 -1.00 -2.60
N LEU A 40 0.15 -1.97 -1.96
CA LEU A 40 0.70 -2.59 -0.76
C LEU A 40 2.04 -3.23 -1.04
N LEU A 41 2.15 -4.00 -2.13
CA LEU A 41 3.43 -4.61 -2.51
C LEU A 41 4.49 -3.53 -2.74
N GLY A 42 4.13 -2.43 -3.40
CA GLY A 42 5.08 -1.35 -3.58
C GLY A 42 5.54 -0.74 -2.27
N LEU A 43 4.61 -0.59 -1.33
CA LEU A 43 4.97 0.00 -0.05
C LEU A 43 5.99 -0.85 0.67
N VAL A 44 5.80 -2.17 0.67
CA VAL A 44 6.73 -3.03 1.40
C VAL A 44 8.04 -3.20 0.62
N ARG A 45 7.96 -3.35 -0.70
CA ARG A 45 9.16 -3.63 -1.48
C ARG A 45 10.04 -2.41 -1.61
N GLU A 46 9.48 -1.20 -1.50
CA GLU A 46 10.31 -0.01 -1.58
C GLU A 46 11.37 -0.06 -0.48
N GLY A 47 11.03 -0.64 0.67
CA GLY A 47 12.01 -1.04 1.67
C GLY A 47 12.52 0.01 2.62
N GLU A 48 12.70 1.24 2.15
CA GLU A 48 13.41 2.26 2.91
C GLU A 48 12.48 3.29 3.53
N GLY A 49 11.32 3.51 2.94
CA GLY A 49 10.42 4.54 3.44
C GLY A 49 9.76 4.17 4.75
N ILE A 50 9.05 5.16 5.30
CA ILE A 50 8.37 4.97 6.57
C ILE A 50 7.32 3.86 6.47
N ALA A 51 6.59 3.80 5.36
CA ALA A 51 5.60 2.74 5.20
C ALA A 51 6.24 1.37 5.31
N ALA A 52 7.36 1.15 4.61
CA ALA A 52 8.02 -0.14 4.70
C ALA A 52 8.41 -0.44 6.14
N LYS A 53 8.95 0.57 6.83
CA LYS A 53 9.33 0.39 8.22
C LYS A 53 8.15 0.00 9.08
N ALA A 54 7.02 0.63 8.86
CA ALA A 54 5.83 0.31 9.63
C ALA A 54 5.38 -1.13 9.34
N LEU A 55 5.35 -1.52 8.07
CA LEU A 55 4.92 -2.87 7.72
C LEU A 55 5.87 -3.91 8.31
N GLN A 56 7.17 -3.63 8.29
CA GLN A 56 8.15 -4.49 8.93
CA GLN A 56 8.11 -4.53 8.91
C GLN A 56 7.89 -4.60 10.43
N ALA A 57 7.65 -3.48 11.08
CA ALA A 57 7.42 -3.48 12.52
C ALA A 57 6.14 -4.21 12.87
N LEU A 58 5.19 -4.23 11.95
CA LEU A 58 3.94 -4.97 12.17
C LEU A 58 4.09 -6.47 11.99
N GLY A 59 5.27 -6.95 11.63
CA GLY A 59 5.53 -8.36 11.44
C GLY A 59 5.25 -8.87 10.06
N LEU A 60 5.23 -8.00 9.07
CA LEU A 60 5.04 -8.41 7.68
C LEU A 60 6.33 -8.26 6.90
N GLY A 61 6.32 -8.77 5.68
CA GLY A 61 7.47 -8.66 4.82
C GLY A 61 6.99 -8.85 3.39
N SER A 62 7.90 -8.61 2.46
CA SER A 62 7.55 -8.61 1.04
CA SER A 62 7.54 -8.62 1.05
C SER A 62 7.08 -9.99 0.61
N GLU A 63 7.83 -11.04 0.98
CA GLU A 63 7.49 -12.38 0.50
C GLU A 63 6.14 -12.84 1.05
N LYS A 64 5.85 -12.57 2.32
CA LYS A 64 4.55 -12.98 2.87
C LYS A 64 3.41 -12.27 2.17
N ILE A 65 3.56 -10.97 1.94
CA ILE A 65 2.52 -10.24 1.23
C ILE A 65 2.37 -10.76 -0.19
N GLN A 66 3.49 -10.97 -0.88
CA GLN A 66 3.47 -11.50 -2.23
CA GLN A 66 3.46 -11.50 -2.24
C GLN A 66 2.70 -12.81 -2.31
N LYS A 67 3.00 -13.73 -1.39
CA LYS A 67 2.38 -15.03 -1.41
C LYS A 67 0.88 -14.93 -1.16
N GLU A 68 0.48 -14.03 -0.27
CA GLU A 68 -0.93 -13.90 0.01
C GLU A 68 -1.66 -13.28 -1.17
N VAL A 69 -1.06 -12.28 -1.80
CA VAL A 69 -1.66 -11.74 -3.02
C VAL A 69 -1.85 -12.84 -4.06
N GLU A 70 -0.82 -13.64 -4.30
CA GLU A 70 -0.97 -14.67 -5.32
C GLU A 70 -2.01 -15.71 -4.94
N SER A 71 -2.15 -16.00 -3.65
CA SER A 71 -3.15 -16.96 -3.20
CA SER A 71 -3.15 -16.96 -3.20
C SER A 71 -4.56 -16.43 -3.44
N LEU A 72 -4.79 -15.17 -3.10
CA LEU A 72 -6.14 -14.65 -3.17
C LEU A 72 -6.55 -14.34 -4.60
N ILE A 73 -5.62 -13.82 -5.40
CA ILE A 73 -5.91 -13.26 -6.70
C ILE A 73 -5.40 -14.11 -7.85
N GLY A 74 -4.27 -14.78 -7.68
CA GLY A 74 -3.68 -15.54 -8.75
C GLY A 74 -2.91 -14.69 -9.74
N ARG A 75 -2.08 -15.36 -10.52
CA ARG A 75 -1.28 -14.75 -11.57
C ARG A 75 -2.07 -14.75 -12.88
N GLY A 76 -1.67 -13.85 -13.77
CA GLY A 76 -2.26 -13.79 -15.10
C GLY A 76 -1.27 -14.22 -16.14
N GLN A 81 -0.34 -5.21 -21.59
CA GLN A 81 0.78 -4.29 -21.50
C GLN A 81 0.40 -3.07 -20.65
N THR A 82 -0.43 -2.17 -21.19
CA THR A 82 -0.82 -0.96 -20.46
CA THR A 82 -0.82 -0.96 -20.46
C THR A 82 -1.85 -1.32 -19.40
N ILE A 83 -1.48 -1.18 -18.15
CA ILE A 83 -2.40 -1.41 -17.04
C ILE A 83 -2.69 -0.07 -16.38
N HIS A 84 -3.95 0.12 -15.99
CA HIS A 84 -4.41 1.34 -15.35
C HIS A 84 -4.66 1.08 -13.87
N TYR A 85 -4.69 2.15 -13.10
CA TYR A 85 -5.09 2.03 -11.69
C TYR A 85 -6.54 1.61 -11.61
N THR A 86 -6.86 0.76 -10.63
CA THR A 86 -8.25 0.48 -10.37
C THR A 86 -8.91 1.74 -9.79
N PRO A 87 -10.24 1.82 -9.81
CA PRO A 87 -10.91 2.96 -9.15
C PRO A 87 -10.53 3.08 -7.69
N ARG A 88 -10.42 1.97 -6.98
CA ARG A 88 -10.07 2.00 -5.57
C ARG A 88 -8.64 2.46 -5.34
N ALA A 89 -7.71 2.04 -6.21
CA ALA A 89 -6.35 2.52 -6.07
C ALA A 89 -6.28 4.03 -6.27
N LYS A 90 -7.02 4.55 -7.25
CA LYS A 90 -7.10 6.00 -7.43
C LYS A 90 -7.63 6.68 -6.16
N LYS A 91 -8.66 6.09 -5.56
CA LYS A 91 -9.22 6.63 -4.32
C LYS A 91 -8.19 6.63 -3.21
N VAL A 92 -7.40 5.55 -3.09
CA VAL A 92 -6.34 5.50 -2.09
C VAL A 92 -5.34 6.63 -2.30
N ILE A 93 -4.95 6.87 -3.54
CA ILE A 93 -4.00 7.96 -3.81
CA ILE A 93 -4.01 7.96 -3.80
C ILE A 93 -4.62 9.31 -3.44
N GLU A 94 -5.90 9.52 -3.76
CA GLU A 94 -6.57 10.74 -3.31
C GLU A 94 -6.61 10.85 -1.79
N LEU A 95 -6.91 9.75 -1.11
CA LEU A 95 -6.92 9.77 0.34
C LEU A 95 -5.55 10.04 0.91
N SER A 96 -4.48 9.58 0.24
CA SER A 96 -3.14 9.84 0.74
CA SER A 96 -3.14 9.83 0.76
C SER A 96 -2.85 11.32 0.82
N MET A 97 -3.38 12.08 -0.14
CA MET A 97 -3.20 13.54 -0.11
CA MET A 97 -3.21 13.53 -0.12
C MET A 97 -3.93 14.15 1.08
N ASP A 98 -5.13 13.64 1.38
CA ASP A 98 -5.86 14.11 2.54
C ASP A 98 -5.16 13.73 3.83
N GLU A 99 -4.61 12.50 3.89
CA GLU A 99 -3.90 12.06 5.09
C GLU A 99 -2.68 12.94 5.34
N ALA A 100 -1.95 13.29 4.28
CA ALA A 100 -0.78 14.15 4.42
C ALA A 100 -1.19 15.52 4.93
N ARG A 101 -2.23 16.09 4.33
CA ARG A 101 -2.68 17.41 4.71
C ARG A 101 -3.08 17.44 6.17
N LYS A 102 -3.82 16.42 6.63
CA LYS A 102 -4.28 16.38 8.01
C LYS A 102 -3.12 16.35 8.97
N LEU A 103 -2.01 15.77 8.56
CA LEU A 103 -0.84 15.64 9.40
C LEU A 103 0.14 16.78 9.21
N GLY A 104 -0.22 17.83 8.48
CA GLY A 104 0.60 19.01 8.37
C GLY A 104 1.68 18.90 7.33
N HIS A 105 1.52 18.05 6.33
CA HIS A 105 2.50 17.88 5.27
C HIS A 105 1.92 18.30 3.93
N SER A 106 2.73 19.05 3.15
CA SER A 106 2.35 19.43 1.81
C SER A 106 2.67 18.36 0.78
N TYR A 107 3.61 17.48 1.10
CA TYR A 107 4.02 16.42 0.20
C TYR A 107 3.57 15.08 0.76
N VAL A 108 3.09 14.24 -0.13
CA VAL A 108 2.61 12.92 0.22
C VAL A 108 3.81 11.97 0.26
N GLY A 109 4.03 11.36 1.42
CA GLY A 109 5.07 10.37 1.58
C GLY A 109 4.52 8.95 1.60
N THR A 110 5.44 7.98 1.68
CA THR A 110 5.00 6.57 1.68
C THR A 110 4.01 6.32 2.81
N GLU A 111 4.25 6.91 3.97
CA GLU A 111 3.37 6.70 5.12
C GLU A 111 1.96 7.17 4.87
N HIS A 112 1.79 8.21 4.06
CA HIS A 112 0.46 8.72 3.75
C HIS A 112 -0.28 7.82 2.79
N ILE A 113 0.45 7.20 1.87
CA ILE A 113 -0.15 6.18 1.02
C ILE A 113 -0.60 4.98 1.86
N LEU A 114 0.24 4.55 2.81
CA LEU A 114 -0.17 3.47 3.71
C LEU A 114 -1.41 3.86 4.50
N LEU A 115 -1.41 5.08 5.07
CA LEU A 115 -2.59 5.53 5.81
C LEU A 115 -3.81 5.60 4.91
N GLY A 116 -3.65 6.06 3.67
CA GLY A 116 -4.78 6.09 2.76
C GLY A 116 -5.33 4.71 2.45
N LEU A 117 -4.43 3.74 2.30
CA LEU A 117 -4.81 2.35 2.10
CA LEU A 117 -4.84 2.36 2.09
C LEU A 117 -5.57 1.79 3.30
N ILE A 118 -5.07 2.06 4.50
CA ILE A 118 -5.73 1.57 5.71
C ILE A 118 -7.08 2.25 5.87
N ARG A 119 -7.12 3.55 5.62
CA ARG A 119 -8.37 4.31 5.74
C ARG A 119 -9.44 3.79 4.80
N GLU A 120 -9.07 3.56 3.54
CA GLU A 120 -10.04 3.02 2.59
C GLU A 120 -10.56 1.68 3.09
N GLY A 121 -9.65 0.80 3.51
CA GLY A 121 -9.97 -0.33 4.34
C GLY A 121 -10.80 -1.44 3.74
N GLU A 122 -10.95 -1.50 2.40
N GLU A 122 -11.09 -1.35 2.45
CA GLU A 122 -11.98 -2.38 1.85
CA GLU A 122 -11.81 -2.38 1.72
C GLU A 122 -11.63 -3.11 0.54
C GLU A 122 -11.02 -2.54 0.45
N GLY A 123 -10.44 -3.00 0.00
N GLY A 123 -11.20 -3.65 -0.21
CA GLY A 123 -10.10 -3.67 -1.22
CA GLY A 123 -10.46 -3.98 -1.40
C GLY A 123 -9.24 -4.90 -1.03
C GLY A 123 -9.43 -5.05 -1.12
N VAL A 124 -8.59 -5.29 -2.12
CA VAL A 124 -7.76 -6.48 -2.07
C VAL A 124 -6.64 -6.33 -1.04
N ALA A 125 -6.00 -5.16 -0.96
CA ALA A 125 -4.98 -4.99 0.08
C ALA A 125 -5.55 -5.23 1.47
N ALA A 126 -6.76 -4.75 1.74
CA ALA A 126 -7.34 -4.96 3.06
C ALA A 126 -7.58 -6.45 3.31
N ARG A 127 -8.04 -7.20 2.29
CA ARG A 127 -8.25 -8.63 2.42
C ARG A 127 -6.94 -9.31 2.71
N VAL A 128 -5.86 -8.89 2.02
CA VAL A 128 -4.55 -9.45 2.25
C VAL A 128 -4.12 -9.19 3.69
N LEU A 129 -4.24 -7.94 4.14
CA LEU A 129 -3.83 -7.61 5.51
C LEU A 129 -4.61 -8.40 6.53
N ASN A 130 -5.92 -8.54 6.33
CA ASN A 130 -6.68 -9.35 7.28
CA ASN A 130 -6.75 -9.37 7.21
C ASN A 130 -6.24 -10.80 7.25
N ASN A 131 -5.97 -11.35 6.07
CA ASN A 131 -5.50 -12.72 5.98
C ASN A 131 -4.11 -12.89 6.60
N LEU A 132 -3.31 -11.83 6.67
CA LEU A 132 -2.01 -11.85 7.35
C LEU A 132 -2.10 -11.44 8.82
N GLY A 133 -3.30 -11.32 9.37
CA GLY A 133 -3.47 -11.17 10.79
C GLY A 133 -3.35 -9.76 11.32
N VAL A 134 -3.52 -8.76 10.46
CA VAL A 134 -3.40 -7.37 10.85
C VAL A 134 -4.79 -6.76 10.98
N SER A 135 -5.03 -6.07 12.10
CA SER A 135 -6.21 -5.25 12.28
C SER A 135 -5.91 -3.87 11.70
N LEU A 136 -6.76 -3.41 10.79
CA LEU A 136 -6.50 -2.11 10.19
C LEU A 136 -6.60 -0.99 11.20
N ASN A 137 -7.58 -1.06 12.10
CA ASN A 137 -7.74 0.02 13.06
C ASN A 137 -6.55 0.09 14.00
N LYS A 138 -6.06 -1.09 14.45
CA LYS A 138 -4.88 -1.09 15.31
C LYS A 138 -3.67 -0.60 14.53
N ALA A 139 -3.52 -1.05 13.28
CA ALA A 139 -2.38 -0.65 12.47
C ALA A 139 -2.38 0.86 12.22
N ARG A 140 -3.54 1.46 11.96
CA ARG A 140 -3.64 2.91 11.77
C ARG A 140 -3.09 3.63 12.98
N GLN A 141 -3.53 3.22 14.18
CA GLN A 141 -3.03 3.86 15.40
C GLN A 141 -1.54 3.70 15.52
N GLN A 142 -1.03 2.51 15.19
CA GLN A 142 0.41 2.24 15.34
C GLN A 142 1.24 3.01 14.33
N VAL A 143 0.73 3.19 13.11
CA VAL A 143 1.46 4.00 12.15
C VAL A 143 1.51 5.46 12.63
N LEU A 144 0.38 5.98 13.11
CA LEU A 144 0.38 7.35 13.62
C LEU A 144 1.33 7.47 14.81
N GLN A 145 1.36 6.46 15.67
CA GLN A 145 2.28 6.46 16.79
C GLN A 145 3.71 6.57 16.30
N LEU A 146 4.04 5.82 15.25
CA LEU A 146 5.37 5.91 14.66
C LEU A 146 5.66 7.32 14.15
N LEU A 147 4.72 7.93 13.45
CA LEU A 147 4.93 9.28 12.93
C LEU A 147 5.09 10.31 14.05
N GLY A 148 4.50 10.05 15.20
CA GLY A 148 4.64 10.96 16.32
C GLY A 148 5.86 10.77 17.16
N SER A 149 6.67 9.76 16.84
CA SER A 149 7.86 9.41 17.62
C SER A 149 9.03 10.32 17.28
OH2 1PE B . -16.33 7.42 -2.53
C12 1PE B . -16.48 8.28 -3.62
C22 1PE B . -15.33 7.91 -4.57
OH3 1PE B . -15.60 6.60 -5.01
C13 1PE B . -13.81 5.32 -5.67
C23 1PE B . -14.89 6.27 -6.17
OH4 1PE B . -14.06 4.13 -6.34
C14 1PE B . -13.88 2.23 -5.02
C24 1PE B . -14.84 3.24 -5.61
OH5 1PE B . -14.46 1.90 -3.78
C15 1PE B . -15.91 0.62 -2.45
C25 1PE B . -15.47 0.93 -3.90
OH6 1PE B . -16.20 1.87 -1.85
C16 1PE B . -17.95 3.22 -1.01
C26 1PE B . -17.34 1.80 -1.01
OH7 1PE B . -19.33 2.99 -0.86
HO2 1PE B . -16.91 7.65 -1.94
H121 1PE B . -16.44 9.22 -3.36
H122 1PE B . -17.35 8.19 -4.06
H221 1PE B . -14.48 7.96 -4.11
H222 1PE B . -15.27 8.53 -5.31
H131 1PE B . -13.85 5.20 -4.71
H132 1PE B . -12.93 5.66 -5.85
H231 1PE B . -14.50 7.04 -6.60
H232 1PE B . -15.45 5.84 -6.84
H141 1PE B . -12.99 2.61 -4.91
H142 1PE B . -13.77 1.46 -5.60
H241 1PE B . -15.50 2.79 -6.17
H242 1PE B . -15.35 3.68 -4.92
H151 1PE B . -15.21 0.15 -1.96
H152 1PE B . -16.69 0.05 -2.44
H251 1PE B . -16.21 1.26 -4.44
H252 1PE B . -15.14 0.14 -4.35
H161 1PE B . -17.75 3.70 -1.82
H162 1PE B . -17.60 3.75 -0.28
H261 1PE B . -17.11 1.53 -0.11
H262 1PE B . -17.99 1.15 -1.34
HO7 1PE B . -19.59 3.43 -0.18
OH2 1PE C . -5.49 12.02 -7.28
C12 1PE C . -6.36 11.39 -8.19
C22 1PE C . -5.87 9.93 -8.24
OH3 1PE C . -4.93 9.86 -9.28
C13 1PE C . -3.30 8.57 -10.39
C23 1PE C . -4.70 8.54 -9.73
OH4 1PE C . -2.43 9.11 -9.43
C14 1PE C . -0.28 9.66 -8.68
C24 1PE C . -1.08 8.78 -9.64
OH5 1PE C . -0.85 10.96 -8.75
C15 1PE C . -0.55 13.27 -9.13
C25 1PE C . -0.09 11.85 -9.56
OH6 1PE C . -1.94 13.29 -9.37
C16 1PE C . -3.44 14.51 -10.74
C26 1PE C . -2.26 13.52 -10.73
OH7 1PE C . -3.58 14.86 -12.09
HO2 1PE C . -5.70 12.84 -7.26
H121 1PE C . -7.29 11.45 -7.91
H122 1PE C . -6.33 11.80 -9.07
H221 1PE C . -6.62 9.32 -8.38
H222 1PE C . -5.48 9.67 -7.39
H131 1PE C . -3.31 9.10 -11.21
H132 1PE C . -3.02 7.68 -10.66
H231 1PE C . -5.37 8.25 -10.36
H232 1PE C . -4.72 7.90 -9.00
H141 1PE C . -0.33 9.30 -7.78
H142 1PE C . 0.67 9.66 -8.92
H241 1PE C . -0.81 8.94 -10.56
H242 1PE C . -0.90 7.84 -9.48
H151 1PE C . -0.35 13.45 -8.20
H152 1PE C . -0.09 13.97 -9.64
H251 1PE C . -0.27 11.70 -10.51
H252 1PE C . 0.86 11.73 -9.43
H161 1PE C . -3.27 15.28 -10.18
H162 1PE C . -4.25 14.10 -10.39
H261 1PE C . -2.50 12.70 -11.19
H262 1PE C . -1.51 13.89 -11.22
HO7 1PE C . -4.21 14.39 -12.41
C CO3 D . -13.86 8.60 5.15
O1 CO3 D . -12.89 8.17 4.40
O2 CO3 D . -14.78 7.79 5.56
O3 CO3 D . -13.90 9.85 5.50
C1 GOL E . 3.78 -0.82 15.90
O1 GOL E . 4.66 -1.75 16.50
C2 GOL E . 4.36 -0.54 14.54
O2 GOL E . 3.43 -0.07 13.61
C3 GOL E . 5.48 0.51 14.75
O3 GOL E . 5.75 1.09 13.49
H11 GOL E . 3.72 0.01 16.40
H12 GOL E . 2.88 -1.15 15.81
H2 GOL E . 4.70 -1.38 14.18
H31 GOL E . 6.25 0.08 15.15
H32 GOL E . 5.18 1.16 15.41
HO3 GOL E . 5.00 1.29 13.15
C CO3 F . -3.74 -18.37 -10.70
O1 CO3 F . -2.44 -18.42 -10.63
O2 CO3 F . -4.46 -19.15 -9.94
O3 CO3 F . -4.32 -17.54 -11.51
OH2 1PE G . -10.14 -7.41 10.76
C12 1PE G . -10.78 -8.58 11.21
C22 1PE G . -9.67 -9.65 11.19
OH3 1PE G . -8.90 -9.46 12.35
C13 1PE G . -6.56 -9.50 12.23
C23 1PE G . -7.80 -8.60 12.15
OH4 1PE G . -6.46 -9.89 13.58
C14 1PE G . -6.48 -8.47 15.45
C24 1PE G . -5.58 -9.13 14.36
OH5 1PE G . -6.02 -8.94 16.70
C15 1PE G . -7.37 -10.06 18.22
C25 1PE G . -6.89 -8.65 17.77
OH6 1PE G . -8.44 -10.37 17.35
C16 1PE G . -9.42 -11.93 18.88
C26 1PE G . -8.88 -11.72 17.45
OH7 1PE G . -8.60 -12.95 19.47
HO2 1PE G . -10.59 -7.11 10.12
H121 1PE G . -11.15 -8.48 12.10
H122 1PE G . -11.53 -8.83 10.63
H221 1PE G . -10.05 -10.54 11.15
H222 1PE G . -9.13 -9.57 10.39
H131 1PE G . -5.76 -9.01 11.94
H132 1PE G . -6.64 -10.25 11.64
H231 1PE G . -7.86 -8.14 11.30
H232 1PE G . -7.77 -7.90 12.82
H141 1PE G . -6.44 -7.50 15.39
H142 1PE G . -7.42 -8.70 15.30
H241 1PE G . -4.88 -9.68 14.76
H242 1PE G . -5.12 -8.45 13.84
H151 1PE G . -6.66 -10.71 18.16
H152 1PE G . -7.66 -10.05 19.15
H251 1PE G . -6.44 -8.18 18.49
H252 1PE G . -7.63 -8.08 17.50
H161 1PE G . -9.39 -11.10 19.40
H162 1PE G . -10.36 -12.19 18.87
H261 1PE G . -8.17 -12.34 17.27
H262 1PE G . -9.58 -11.92 16.80
HO7 1PE G . -8.24 -12.62 20.17
S SO4 H . -10.70 17.34 8.19
O1 SO4 H . -9.70 18.35 7.84
O2 SO4 H . -10.35 16.76 9.49
O3 SO4 H . -12.01 17.98 8.36
O4 SO4 H . -10.78 16.28 7.19
S SO4 I . -10.02 -4.29 11.17
O1 SO4 I . -9.08 -4.79 10.18
O2 SO4 I . -9.88 -5.11 12.39
O3 SO4 I . -11.40 -4.52 10.68
O4 SO4 I . -9.84 -2.88 11.53
S SO4 J . -8.72 -3.07 -5.68
O1 SO4 J . -7.81 -1.98 -6.08
O2 SO4 J . -8.49 -3.38 -4.26
O3 SO4 J . -8.55 -4.21 -6.56
O4 SO4 J . -10.10 -2.56 -5.80
S SO4 K . 8.87 8.77 2.92
O1 SO4 K . 10.21 9.16 2.60
O2 SO4 K . 8.73 7.44 3.54
O3 SO4 K . 8.10 8.97 1.67
O4 SO4 K . 8.35 9.69 3.92
S SO4 L . 6.16 18.87 4.24
O1 SO4 L . 5.97 18.88 5.69
O2 SO4 L . 7.53 19.24 3.91
O3 SO4 L . 5.24 19.81 3.64
O4 SO4 L . 5.83 17.54 3.70
#